data_4QTR
#
_entry.id   4QTR
#
_cell.length_a   90.098
_cell.length_b   90.098
_cell.length_c   158.923
_cell.angle_alpha   90.00
_cell.angle_beta   90.00
_cell.angle_gamma   90.00
#
_symmetry.space_group_name_H-M   'P 42 2 2'
#
loop_
_entity.id
_entity.type
_entity.pdbx_description
1 polymer dualENH
2 polymer "DNA (5'-D(P*GP*TP*GP*TP*AP*AP*TP*TP*TP*AP*AP*TP*TP*TP*CP*C)-3')"
3 polymer "DNA (5'-D(P*CP*GP*GP*AP*AP*AP*TP*TP*AP*AP*AP*TP*TP*AP*CP*A)-3')"
#
loop_
_entity_poly.entity_id
_entity_poly.type
_entity_poly.pdbx_seq_one_letter_code
_entity_poly.pdbx_strand_id
1 'polypeptide(L)' MEKRPRTAFSEEQKKALDLAFYFDRYLTPEWRRYLSQRLGLNEAQIKIWFQNKRAKIKKSTGGSGGHHHHHH A,B,C,D
2 'polydeoxyribonucleotide' (DG)(DT)(DG)(DT)(DA)(DA)(DT)(DT)(DT)(DA)(DA)(DT)(DT)(DT)(DC)(DC) E,G
3 'polydeoxyribonucleotide' (DC)(DG)(DG)(DA)(DA)(DA)(DT)(DT)(DA)(DA)(DA)(DT)(DT)(DA)(DC)(DA) F,H
#
loop_
_chem_comp.id
_chem_comp.type
_chem_comp.name
_chem_comp.formula
DA DNA linking 2'-DEOXYADENOSINE-5'-MONOPHOSPHATE 'C10 H14 N5 O6 P'
DC DNA linking 2'-DEOXYCYTIDINE-5'-MONOPHOSPHATE 'C9 H14 N3 O7 P'
DG DNA linking 2'-DEOXYGUANOSINE-5'-MONOPHOSPHATE 'C10 H14 N5 O7 P'
DT DNA linking THYMIDINE-5'-MONOPHOSPHATE 'C10 H15 N2 O8 P'
#
# COMPACT_ATOMS: atom_id res chain seq x y z
N ARG A 6 -21.82 26.22 1.64
CA ARG A 6 -21.33 27.52 1.20
C ARG A 6 -22.05 28.65 1.94
N THR A 7 -21.52 29.01 3.11
CA THR A 7 -22.17 29.99 4.00
C THR A 7 -21.85 31.43 3.58
N ALA A 8 -22.80 32.34 3.79
CA ALA A 8 -22.51 33.75 3.56
C ALA A 8 -22.68 34.51 4.87
N PHE A 9 -21.63 35.24 5.26
CA PHE A 9 -21.58 35.93 6.55
C PHE A 9 -22.36 37.25 6.53
N SER A 10 -22.84 37.69 7.69
CA SER A 10 -23.60 38.95 7.78
C SER A 10 -22.70 40.19 7.82
N GLU A 11 -23.31 41.38 7.85
CA GLU A 11 -22.52 42.62 7.91
C GLU A 11 -21.99 42.91 9.32
N GLU A 12 -22.90 42.86 10.30
CA GLU A 12 -22.59 43.08 11.70
C GLU A 12 -21.53 42.08 12.17
N GLN A 13 -21.63 40.87 11.66
CA GLN A 13 -20.68 39.81 11.98
C GLN A 13 -19.32 40.09 11.34
N LYS A 14 -19.34 40.58 10.10
CA LYS A 14 -18.12 40.90 9.35
C LYS A 14 -17.29 42.02 9.98
N LYS A 15 -17.97 43.06 10.48
CA LYS A 15 -17.23 44.18 11.06
C LYS A 15 -16.53 43.70 12.32
N ALA A 16 -17.22 42.87 13.09
CA ALA A 16 -16.67 42.30 14.31
C ALA A 16 -15.44 41.45 14.03
N LEU A 17 -15.55 40.50 13.09
CA LEU A 17 -14.39 39.66 12.75
C LEU A 17 -13.22 40.57 12.32
N ASP A 18 -13.51 41.62 11.56
CA ASP A 18 -12.45 42.54 11.14
C ASP A 18 -11.76 43.24 12.31
N LEU A 19 -12.55 43.79 13.24
CA LEU A 19 -11.98 44.48 14.40
C LEU A 19 -11.11 43.49 15.20
N ALA A 20 -11.67 42.31 15.42
CA ALA A 20 -10.98 41.34 16.24
C ALA A 20 -9.68 40.99 15.55
N PHE A 21 -9.67 41.03 14.21
CA PHE A 21 -8.47 40.71 13.44
C PHE A 21 -7.44 41.80 13.58
N TYR A 22 -7.84 43.04 13.29
CA TYR A 22 -6.92 44.15 13.26
C TYR A 22 -6.27 44.34 14.62
N PHE A 23 -6.95 43.93 15.69
CA PHE A 23 -6.28 43.93 17.01
C PHE A 23 -5.32 42.73 17.12
N ASP A 24 -5.82 41.50 17.05
CA ASP A 24 -4.89 40.37 17.02
C ASP A 24 -5.27 39.41 15.87
N ARG A 25 -4.30 39.08 15.02
CA ARG A 25 -4.56 38.31 13.80
C ARG A 25 -4.87 36.84 14.11
N TYR A 26 -4.50 36.41 15.31
CA TYR A 26 -4.78 35.05 15.80
C TYR A 26 -5.78 35.15 16.93
N LEU A 27 -6.90 34.45 16.85
CA LEU A 27 -7.88 34.59 17.91
C LEU A 27 -7.65 33.48 18.94
N THR A 28 -7.86 33.83 20.21
CA THR A 28 -7.74 32.89 21.32
C THR A 28 -8.97 32.00 21.36
N PRO A 29 -8.79 30.69 21.65
CA PRO A 29 -9.87 29.70 21.71
C PRO A 29 -11.09 30.13 22.55
N GLU A 30 -10.86 30.66 23.75
CA GLU A 30 -11.96 31.05 24.63
C GLU A 30 -12.57 32.38 24.13
N TRP A 31 -11.78 33.12 23.34
CA TRP A 31 -12.26 34.34 22.70
C TRP A 31 -13.06 34.01 21.45
N ARG A 32 -12.60 32.99 20.73
CA ARG A 32 -13.26 32.57 19.51
C ARG A 32 -14.59 31.89 19.83
N ARG A 33 -14.70 31.14 20.93
CA ARG A 33 -16.02 30.62 21.31
C ARG A 33 -16.92 31.80 21.61
N TYR A 34 -16.36 32.80 22.29
CA TYR A 34 -17.12 33.97 22.69
C TYR A 34 -17.76 34.66 21.49
N LEU A 35 -16.92 34.97 20.51
CA LEU A 35 -17.33 35.55 19.25
C LEU A 35 -18.33 34.67 18.53
N SER A 36 -18.02 33.37 18.49
CA SER A 36 -18.82 32.39 17.77
C SER A 36 -20.25 32.30 18.30
N GLN A 37 -20.42 32.33 19.61
CA GLN A 37 -21.76 32.25 20.18
C GLN A 37 -22.36 33.65 20.17
N ARG A 38 -21.53 34.68 20.10
CA ARG A 38 -22.05 36.06 20.15
C ARG A 38 -22.71 36.45 18.84
N LEU A 39 -22.00 36.22 17.75
CA LEU A 39 -22.44 36.58 16.42
C LEU A 39 -23.39 35.50 15.85
N GLY A 40 -23.42 34.36 16.55
CA GLY A 40 -24.34 33.26 16.28
C GLY A 40 -23.78 32.18 15.37
N LEU A 41 -22.53 32.34 14.94
CA LEU A 41 -21.96 31.42 13.97
C LEU A 41 -21.28 30.24 14.67
N ASN A 42 -20.76 29.32 13.86
CA ASN A 42 -19.97 28.23 14.39
C ASN A 42 -18.52 28.61 14.40
N GLU A 43 -17.82 28.12 15.42
CA GLU A 43 -16.41 28.40 15.61
C GLU A 43 -15.55 28.02 14.40
N ALA A 44 -16.01 27.06 13.60
CA ALA A 44 -15.30 26.67 12.37
C ALA A 44 -15.31 27.76 11.30
N GLN A 45 -16.48 28.34 11.04
CA GLN A 45 -16.60 29.42 10.08
C GLN A 45 -15.59 30.52 10.37
N ILE A 46 -15.53 30.94 11.64
CA ILE A 46 -14.63 31.98 12.11
C ILE A 46 -13.15 31.65 11.76
N LYS A 47 -12.72 30.42 12.07
CA LYS A 47 -11.37 29.98 11.74
C LYS A 47 -11.08 30.06 10.25
N ILE A 48 -12.00 29.55 9.43
CA ILE A 48 -11.79 29.50 7.98
C ILE A 48 -11.73 30.91 7.41
N TRP A 49 -12.52 31.77 8.03
CA TRP A 49 -12.53 33.18 7.68
C TRP A 49 -11.18 33.80 8.01
N PHE A 50 -10.62 33.44 9.16
CA PHE A 50 -9.29 33.91 9.54
C PHE A 50 -8.26 33.49 8.51
N GLN A 51 -8.27 32.21 8.13
CA GLN A 51 -7.35 31.70 7.09
C GLN A 51 -7.46 32.49 5.79
N ASN A 52 -8.69 32.66 5.31
CA ASN A 52 -8.91 33.37 4.05
C ASN A 52 -8.54 34.86 4.18
N LYS A 53 -8.67 35.40 5.39
CA LYS A 53 -8.24 36.76 5.67
C LYS A 53 -6.73 36.89 5.51
N ARG A 54 -5.99 36.06 6.25
CA ARG A 54 -4.53 36.09 6.27
C ARG A 54 -3.98 35.86 4.85
N ALA A 55 -4.77 35.18 4.03
CA ALA A 55 -4.45 35.10 2.61
C ALA A 55 -4.16 36.50 2.03
N LYS A 56 -5.00 37.47 2.38
CA LYS A 56 -4.81 38.85 1.95
C LYS A 56 -3.48 39.40 2.49
N ILE A 57 -3.11 38.99 3.69
CA ILE A 57 -1.85 39.42 4.31
C ILE A 57 -0.65 38.94 3.48
N LYS A 58 -0.75 37.70 2.99
CA LYS A 58 0.29 37.11 2.13
C LYS A 58 0.40 37.81 0.77
N LYS A 59 -0.54 38.71 0.49
CA LYS A 59 -0.53 39.48 -0.76
C LYS A 59 0.36 40.73 -0.69
N SER A 60 1.08 40.89 0.43
CA SER A 60 2.02 41.98 0.61
C SER A 60 3.29 41.50 1.31
N THR B 7 6.04 21.94 -0.93
CA THR B 7 6.40 20.76 -1.72
C THR B 7 5.14 20.09 -2.26
N ALA B 8 5.19 19.62 -3.50
CA ALA B 8 4.05 18.91 -4.07
C ALA B 8 4.44 17.49 -4.45
N PHE B 9 3.71 16.51 -3.94
CA PHE B 9 4.08 15.13 -4.21
C PHE B 9 3.58 14.69 -5.58
N SER B 10 4.31 13.77 -6.18
CA SER B 10 3.95 13.26 -7.49
C SER B 10 2.88 12.22 -7.33
N GLU B 11 2.41 11.65 -8.44
CA GLU B 11 1.43 10.58 -8.38
C GLU B 11 2.16 9.32 -7.94
N GLU B 12 3.34 9.12 -8.55
CA GLU B 12 4.17 7.98 -8.24
C GLU B 12 4.46 7.88 -6.75
N GLN B 13 4.75 9.03 -6.15
CA GLN B 13 5.07 9.11 -4.74
C GLN B 13 3.88 8.83 -3.85
N LYS B 14 2.73 9.35 -4.26
CA LYS B 14 1.48 9.13 -3.53
C LYS B 14 1.13 7.65 -3.58
N LYS B 15 1.40 7.00 -4.71
CA LYS B 15 1.09 5.57 -4.91
C LYS B 15 2.01 4.68 -4.08
N ALA B 16 3.29 5.03 -4.04
CA ALA B 16 4.23 4.31 -3.17
C ALA B 16 3.85 4.48 -1.70
N LEU B 17 3.63 5.73 -1.28
CA LEU B 17 3.28 6.02 0.11
C LEU B 17 2.01 5.26 0.47
N ASP B 18 1.06 5.22 -0.47
CA ASP B 18 -0.21 4.55 -0.28
C ASP B 18 0.00 3.03 -0.10
N LEU B 19 0.84 2.44 -0.94
CA LEU B 19 1.10 1.03 -0.77
C LEU B 19 1.71 0.74 0.61
N ALA B 20 2.77 1.49 0.93
CA ALA B 20 3.56 1.20 2.12
C ALA B 20 2.71 1.37 3.36
N PHE B 21 1.77 2.29 3.28
CA PHE B 21 0.89 2.51 4.42
C PHE B 21 -0.05 1.32 4.49
N TYR B 22 -0.75 1.00 3.40
CA TYR B 22 -1.78 -0.05 3.48
C TYR B 22 -1.24 -1.40 3.93
N PHE B 23 0.07 -1.58 3.80
CA PHE B 23 0.68 -2.80 4.36
C PHE B 23 0.71 -2.71 5.89
N ASP B 24 1.47 -1.76 6.42
CA ASP B 24 1.52 -1.55 7.87
C ASP B 24 1.34 -0.10 8.18
N ARG B 25 0.39 0.20 9.05
CA ARG B 25 0.00 1.60 9.30
C ARG B 25 1.04 2.47 10.08
N TYR B 26 1.96 1.82 10.79
CA TYR B 26 3.01 2.50 11.52
C TYR B 26 4.37 2.25 10.90
N LEU B 27 5.11 3.34 10.68
CA LEU B 27 6.36 3.26 9.94
C LEU B 27 7.60 3.03 10.83
N THR B 28 8.52 2.21 10.35
CA THR B 28 9.76 1.94 11.06
C THR B 28 10.95 2.68 10.44
N PRO B 29 11.95 3.07 11.27
CA PRO B 29 13.12 3.85 10.82
C PRO B 29 13.73 3.38 9.49
N GLU B 30 13.84 2.07 9.27
CA GLU B 30 14.47 1.55 8.07
C GLU B 30 13.53 1.77 6.89
N TRP B 31 12.23 1.88 7.19
CA TRP B 31 11.31 2.16 6.10
C TRP B 31 11.30 3.60 5.70
N ARG B 32 11.49 4.52 6.66
CA ARG B 32 11.54 5.95 6.31
C ARG B 32 12.88 6.26 5.63
N ARG B 33 13.96 5.60 6.04
CA ARG B 33 15.22 5.77 5.33
C ARG B 33 15.10 5.22 3.89
N TYR B 34 14.53 4.03 3.77
CA TYR B 34 14.38 3.47 2.44
C TYR B 34 13.50 4.35 1.52
N LEU B 35 12.31 4.69 2.03
CA LEU B 35 11.35 5.52 1.31
C LEU B 35 11.95 6.88 0.97
N SER B 36 12.68 7.47 1.91
CA SER B 36 13.33 8.77 1.70
C SER B 36 14.34 8.64 0.59
N GLN B 37 15.05 7.50 0.56
CA GLN B 37 16.14 7.36 -0.37
C GLN B 37 15.65 7.01 -1.78
N ARG B 38 14.54 6.30 -1.89
CA ARG B 38 14.00 6.01 -3.22
C ARG B 38 13.21 7.17 -3.80
N LEU B 39 12.36 7.78 -2.97
CA LEU B 39 11.53 8.87 -3.44
C LEU B 39 12.24 10.24 -3.43
N GLY B 40 13.40 10.31 -2.78
CA GLY B 40 14.23 11.49 -2.81
C GLY B 40 13.92 12.47 -1.68
N LEU B 41 13.00 12.08 -0.83
CA LEU B 41 12.49 12.96 0.19
C LEU B 41 13.31 12.81 1.45
N ASN B 42 12.97 13.60 2.45
CA ASN B 42 13.54 13.48 3.80
C ASN B 42 12.65 12.60 4.63
N GLU B 43 13.27 11.83 5.51
CA GLU B 43 12.51 10.96 6.39
C GLU B 43 11.46 11.75 7.17
N ALA B 44 11.73 13.03 7.42
CA ALA B 44 10.78 13.90 8.11
C ALA B 44 9.56 14.13 7.22
N GLN B 45 9.77 14.41 5.93
CA GLN B 45 8.66 14.56 4.96
C GLN B 45 7.73 13.35 5.01
N ILE B 46 8.34 12.16 4.97
CA ILE B 46 7.62 10.88 5.04
C ILE B 46 6.89 10.67 6.36
N LYS B 47 7.59 10.96 7.47
CA LYS B 47 7.05 10.81 8.82
C LYS B 47 5.77 11.62 8.86
N ILE B 48 5.87 12.85 8.36
CA ILE B 48 4.74 13.73 8.36
C ILE B 48 3.65 13.13 7.51
N TRP B 49 4.02 12.51 6.41
CA TRP B 49 3.01 11.90 5.54
C TRP B 49 2.21 10.77 6.22
N PHE B 50 2.89 9.88 6.92
CA PHE B 50 2.19 8.84 7.69
C PHE B 50 1.27 9.48 8.73
N GLN B 51 1.78 10.52 9.42
CA GLN B 51 0.99 11.24 10.41
C GLN B 51 -0.34 11.73 9.83
N ASN B 52 -0.24 12.43 8.69
CA ASN B 52 -1.43 12.99 8.06
C ASN B 52 -2.37 11.91 7.53
N LYS B 53 -1.80 10.79 7.09
CA LYS B 53 -2.61 9.65 6.62
C LYS B 53 -3.48 9.09 7.75
N ARG B 54 -2.85 8.73 8.87
CA ARG B 54 -3.63 8.16 9.97
C ARG B 54 -4.67 9.16 10.47
N ALA B 55 -4.30 10.45 10.41
CA ALA B 55 -5.26 11.52 10.66
C ALA B 55 -6.49 11.41 9.77
N LYS B 56 -6.27 11.20 8.47
CA LYS B 56 -7.39 11.06 7.54
C LYS B 56 -8.26 9.84 7.82
N ILE B 57 -7.63 8.72 8.16
CA ILE B 57 -8.38 7.47 8.44
C ILE B 57 -9.26 7.61 9.70
N LYS B 58 -8.72 8.24 10.74
CA LYS B 58 -9.49 8.45 11.98
C LYS B 58 -10.58 9.51 11.85
N LYS B 59 -10.51 10.31 10.79
CA LYS B 59 -11.52 11.33 10.49
C LYS B 59 -12.68 10.79 9.67
N SER B 60 -12.48 9.59 9.12
CA SER B 60 -13.48 8.93 8.29
C SER B 60 -13.58 7.43 8.60
N ARG C 6 2.29 -17.91 -19.25
CA ARG C 6 2.06 -16.95 -20.32
C ARG C 6 1.75 -15.51 -19.86
N THR C 7 1.90 -15.19 -18.57
CA THR C 7 1.43 -13.89 -18.08
C THR C 7 2.41 -12.73 -18.22
N ALA C 8 1.88 -11.57 -18.61
CA ALA C 8 2.68 -10.36 -18.71
C ALA C 8 2.17 -9.28 -17.77
N PHE C 9 3.07 -8.77 -16.93
CA PHE C 9 2.68 -7.84 -15.89
C PHE C 9 2.46 -6.45 -16.47
N SER C 10 1.65 -5.65 -15.78
CA SER C 10 1.43 -4.28 -16.18
C SER C 10 2.57 -3.43 -15.64
N GLU C 11 2.55 -2.15 -15.96
CA GLU C 11 3.58 -1.23 -15.51
C GLU C 11 3.39 -0.84 -14.05
N GLU C 12 2.16 -0.50 -13.66
CA GLU C 12 1.93 -0.17 -12.26
C GLU C 12 2.31 -1.35 -11.36
N GLN C 13 2.00 -2.56 -11.81
CA GLN C 13 2.33 -3.76 -11.07
C GLN C 13 3.82 -4.02 -11.06
N LYS C 14 4.49 -3.77 -12.18
CA LYS C 14 5.93 -3.93 -12.19
C LYS C 14 6.53 -2.94 -11.16
N LYS C 15 5.99 -1.72 -11.10
CA LYS C 15 6.54 -0.70 -10.20
C LYS C 15 6.29 -1.02 -8.71
N ALA C 16 5.12 -1.53 -8.36
CA ALA C 16 4.89 -1.97 -6.98
C ALA C 16 5.84 -3.10 -6.67
N LEU C 17 5.97 -4.01 -7.62
CA LEU C 17 6.87 -5.16 -7.42
C LEU C 17 8.24 -4.62 -7.07
N ASP C 18 8.75 -3.67 -7.86
CA ASP C 18 10.05 -3.06 -7.61
C ASP C 18 10.13 -2.37 -6.22
N LEU C 19 9.08 -1.64 -5.83
CA LEU C 19 9.10 -0.94 -4.55
C LEU C 19 9.33 -1.93 -3.43
N ALA C 20 8.57 -3.02 -3.40
CA ALA C 20 8.73 -3.99 -2.29
C ALA C 20 10.05 -4.78 -2.46
N PHE C 21 10.50 -4.92 -3.69
CA PHE C 21 11.70 -5.71 -3.91
C PHE C 21 12.95 -5.09 -3.37
N TYR C 22 13.24 -3.89 -3.87
CA TYR C 22 14.51 -3.23 -3.61
C TYR C 22 14.72 -3.02 -2.12
N PHE C 23 13.61 -3.04 -1.40
CA PHE C 23 13.67 -2.97 0.03
C PHE C 23 14.22 -4.29 0.55
N ASP C 24 13.49 -5.38 0.30
CA ASP C 24 14.00 -6.69 0.75
C ASP C 24 14.01 -7.63 -0.42
N ARG C 25 15.15 -8.27 -0.67
CA ARG C 25 15.26 -9.09 -1.87
C ARG C 25 14.43 -10.36 -1.69
N TYR C 26 14.19 -10.76 -0.44
CA TYR C 26 13.47 -11.98 -0.13
C TYR C 26 12.15 -11.65 0.47
N LEU C 27 11.12 -12.27 -0.05
CA LEU C 27 9.77 -11.89 0.33
C LEU C 27 9.18 -12.66 1.51
N THR C 28 8.48 -11.93 2.38
CA THR C 28 7.84 -12.52 3.55
C THR C 28 6.38 -12.92 3.25
N PRO C 29 5.87 -13.91 3.98
CA PRO C 29 4.47 -14.30 3.76
C PRO C 29 3.50 -13.13 3.70
N GLU C 30 3.61 -12.21 4.65
CA GLU C 30 2.62 -11.15 4.79
C GLU C 30 2.74 -10.18 3.62
N TRP C 31 3.93 -10.08 3.06
CA TRP C 31 4.12 -9.26 1.87
C TRP C 31 3.64 -9.96 0.61
N ARG C 32 3.71 -11.30 0.58
CA ARG C 32 3.29 -12.05 -0.59
C ARG C 32 1.79 -12.01 -0.73
N ARG C 33 1.11 -12.20 0.41
CA ARG C 33 -0.36 -12.12 0.45
C ARG C 33 -0.86 -10.74 0.20
N TYR C 34 -0.23 -9.77 0.85
CA TYR C 34 -0.64 -8.39 0.66
C TYR C 34 -0.51 -7.90 -0.79
N LEU C 35 0.67 -8.11 -1.36
CA LEU C 35 0.90 -7.78 -2.75
C LEU C 35 -0.10 -8.49 -3.62
N SER C 36 -0.33 -9.76 -3.30
CA SER C 36 -1.28 -10.58 -4.04
C SER C 36 -2.69 -10.00 -3.99
N GLN C 37 -3.09 -9.48 -2.84
CA GLN C 37 -4.46 -9.07 -2.70
C GLN C 37 -4.68 -7.72 -3.34
N ARG C 38 -3.67 -6.87 -3.30
CA ARG C 38 -3.79 -5.57 -3.92
C ARG C 38 -3.56 -5.57 -5.41
N LEU C 39 -2.50 -6.23 -5.88
CA LEU C 39 -2.17 -6.15 -7.30
C LEU C 39 -3.03 -7.01 -8.22
N GLY C 40 -3.74 -7.96 -7.65
CA GLY C 40 -4.65 -8.75 -8.44
C GLY C 40 -3.92 -9.94 -9.00
N LEU C 41 -2.65 -10.09 -8.63
CA LEU C 41 -1.85 -11.16 -9.19
C LEU C 41 -2.00 -12.40 -8.29
N ASN C 42 -1.42 -13.51 -8.71
CA ASN C 42 -1.45 -14.74 -7.95
C ASN C 42 -0.24 -14.74 -7.04
N GLU C 43 -0.36 -15.35 -5.88
CA GLU C 43 0.76 -15.45 -4.97
C GLU C 43 1.97 -16.20 -5.58
N ALA C 44 1.69 -17.19 -6.41
CA ALA C 44 2.75 -17.91 -7.11
C ALA C 44 3.48 -17.06 -8.13
N GLN C 45 2.76 -16.33 -8.97
CA GLN C 45 3.45 -15.46 -9.94
C GLN C 45 4.35 -14.46 -9.25
N ILE C 46 3.85 -13.88 -8.16
CA ILE C 46 4.67 -12.97 -7.42
C ILE C 46 5.94 -13.69 -7.03
N LYS C 47 5.81 -14.90 -6.47
CA LYS C 47 6.97 -15.68 -6.03
C LYS C 47 8.03 -15.78 -7.13
N ILE C 48 7.56 -16.17 -8.32
CA ILE C 48 8.42 -16.37 -9.48
C ILE C 48 9.05 -15.04 -9.90
N TRP C 49 8.28 -13.98 -9.70
CA TRP C 49 8.78 -12.67 -10.06
C TRP C 49 10.00 -12.30 -9.24
N PHE C 50 9.90 -12.49 -7.93
CA PHE C 50 11.09 -12.25 -7.10
C PHE C 50 12.27 -13.15 -7.50
N GLN C 51 12.00 -14.46 -7.72
CA GLN C 51 13.08 -15.38 -8.18
C GLN C 51 13.82 -14.81 -9.39
N ASN C 52 13.06 -14.41 -10.39
CA ASN C 52 13.68 -13.84 -11.57
C ASN C 52 14.37 -12.50 -11.35
N LYS C 53 13.88 -11.72 -10.38
CA LYS C 53 14.61 -10.51 -10.07
C LYS C 53 16.03 -10.87 -9.59
N ARG C 54 16.15 -11.68 -8.51
CA ARG C 54 17.54 -11.83 -8.10
C ARG C 54 18.39 -12.54 -9.14
N ALA C 55 17.82 -13.55 -9.86
CA ALA C 55 18.55 -14.12 -11.00
C ALA C 55 19.10 -13.06 -11.99
N LYS C 56 18.31 -12.04 -12.32
CA LYS C 56 18.86 -11.01 -13.20
C LYS C 56 20.05 -10.35 -12.56
N ILE C 57 19.94 -10.11 -11.25
CA ILE C 57 21.02 -9.41 -10.52
C ILE C 57 22.33 -10.22 -10.36
N LYS C 58 22.18 -11.53 -10.19
CA LYS C 58 23.34 -12.41 -10.07
C LYS C 58 24.13 -12.44 -11.38
N LYS C 59 23.63 -11.82 -12.45
CA LYS C 59 24.59 -11.50 -13.50
C LYS C 59 25.15 -10.16 -13.03
N SER C 60 26.33 -10.30 -12.44
CA SER C 60 27.10 -9.21 -11.86
C SER C 60 28.56 -9.39 -12.26
N THR C 61 29.15 -10.48 -11.77
CA THR C 61 30.59 -10.76 -11.90
C THR C 61 31.05 -12.06 -11.27
N GLY C 62 32.37 -12.30 -11.31
CA GLY C 62 32.97 -13.41 -10.59
C GLY C 62 33.95 -13.04 -9.48
N ARG D 6 1.36 -24.73 7.02
CA ARG D 6 1.49 -25.33 5.69
C ARG D 6 0.31 -26.24 5.39
N THR D 7 0.08 -26.50 4.11
CA THR D 7 -1.10 -27.25 3.67
C THR D 7 -0.94 -28.77 3.69
N ALA D 8 -1.98 -29.46 4.11
CA ALA D 8 -1.95 -30.92 4.08
C ALA D 8 -3.03 -31.43 3.15
N PHE D 9 -2.62 -32.22 2.16
CA PHE D 9 -3.53 -32.69 1.12
C PHE D 9 -4.36 -33.84 1.68
N SER D 10 -5.57 -33.98 1.13
CA SER D 10 -6.47 -35.02 1.62
C SER D 10 -6.19 -36.38 0.99
N GLU D 11 -6.91 -37.40 1.44
CA GLU D 11 -6.63 -38.73 0.92
C GLU D 11 -7.10 -38.75 -0.50
N GLU D 12 -8.33 -38.28 -0.74
CA GLU D 12 -8.90 -38.28 -2.10
C GLU D 12 -7.95 -37.63 -3.09
N GLN D 13 -7.33 -36.53 -2.66
CA GLN D 13 -6.38 -35.79 -3.47
C GLN D 13 -5.08 -36.54 -3.70
N LYS D 14 -4.55 -37.14 -2.65
CA LYS D 14 -3.31 -37.88 -2.77
C LYS D 14 -3.52 -39.02 -3.77
N LYS D 15 -4.71 -39.61 -3.77
CA LYS D 15 -5.04 -40.71 -4.67
C LYS D 15 -5.08 -40.21 -6.11
N ALA D 16 -5.68 -39.03 -6.32
CA ALA D 16 -5.71 -38.44 -7.68
C ALA D 16 -4.33 -38.10 -8.24
N LEU D 17 -3.54 -37.39 -7.44
CA LEU D 17 -2.18 -36.96 -7.80
C LEU D 17 -1.32 -38.16 -8.12
N ASP D 18 -1.51 -39.22 -7.31
CA ASP D 18 -0.79 -40.47 -7.48
C ASP D 18 -1.14 -41.10 -8.84
N LEU D 19 -2.45 -41.11 -9.11
CA LEU D 19 -2.94 -41.69 -10.36
C LEU D 19 -2.34 -41.04 -11.58
N ALA D 20 -2.37 -39.73 -11.63
CA ALA D 20 -1.82 -39.08 -12.80
C ALA D 20 -0.26 -39.17 -12.83
N PHE D 21 0.36 -39.32 -11.65
CA PHE D 21 1.82 -39.31 -11.62
C PHE D 21 2.46 -40.52 -12.23
N TYR D 22 2.08 -41.69 -11.70
CA TYR D 22 2.75 -42.94 -12.11
C TYR D 22 2.49 -43.24 -13.59
N PHE D 23 1.39 -42.67 -14.04
CA PHE D 23 0.95 -42.68 -15.40
C PHE D 23 1.74 -41.71 -16.32
N ASP D 24 1.73 -40.41 -16.07
CA ASP D 24 2.68 -39.52 -16.74
C ASP D 24 3.34 -38.69 -15.64
N ARG D 25 4.68 -38.73 -15.56
CA ARG D 25 5.42 -38.10 -14.44
C ARG D 25 5.52 -36.57 -14.51
N TYR D 26 5.38 -36.01 -15.70
CA TYR D 26 5.49 -34.57 -15.94
C TYR D 26 4.15 -33.93 -16.30
N LEU D 27 3.86 -32.77 -15.70
CA LEU D 27 2.53 -32.19 -15.86
C LEU D 27 2.45 -31.27 -17.06
N THR D 28 1.33 -31.36 -17.76
CA THR D 28 1.00 -30.48 -18.87
C THR D 28 0.12 -29.29 -18.41
N PRO D 29 0.27 -28.11 -19.03
CA PRO D 29 -0.62 -27.02 -18.62
C PRO D 29 -2.11 -27.35 -18.56
N GLU D 30 -2.65 -28.06 -19.54
CA GLU D 30 -4.11 -28.26 -19.61
C GLU D 30 -4.69 -29.17 -18.54
N TRP D 31 -3.92 -30.20 -18.26
CA TRP D 31 -4.35 -31.19 -17.30
C TRP D 31 -4.05 -30.69 -15.88
N ARG D 32 -3.02 -29.87 -15.76
CA ARG D 32 -2.71 -29.23 -14.48
C ARG D 32 -3.75 -28.24 -14.02
N ARG D 33 -4.20 -27.42 -14.97
CA ARG D 33 -5.30 -26.51 -14.73
C ARG D 33 -6.51 -27.37 -14.35
N TYR D 34 -6.63 -28.48 -15.10
CA TYR D 34 -7.72 -29.38 -14.89
C TYR D 34 -7.81 -29.99 -13.49
N LEU D 35 -6.72 -30.62 -13.04
CA LEU D 35 -6.65 -31.22 -11.73
C LEU D 35 -6.89 -30.17 -10.68
N SER D 36 -6.25 -29.02 -10.88
CA SER D 36 -6.36 -27.92 -9.95
C SER D 36 -7.77 -27.44 -9.82
N GLN D 37 -8.49 -27.40 -10.95
CA GLN D 37 -9.81 -26.80 -10.99
C GLN D 37 -10.81 -27.77 -10.41
N ARG D 38 -10.50 -29.04 -10.55
CA ARG D 38 -11.40 -30.04 -10.02
C ARG D 38 -11.25 -30.18 -8.52
N LEU D 39 -10.02 -30.30 -8.07
CA LEU D 39 -9.73 -30.56 -6.67
C LEU D 39 -9.79 -29.27 -5.87
N GLY D 40 -9.80 -28.14 -6.58
CA GLY D 40 -9.97 -26.87 -5.93
C GLY D 40 -8.61 -26.37 -5.52
N LEU D 41 -7.56 -27.10 -5.88
CA LEU D 41 -6.24 -26.76 -5.35
C LEU D 41 -5.50 -25.72 -6.18
N ASN D 42 -4.30 -25.36 -5.76
CA ASN D 42 -3.50 -24.45 -6.57
C ASN D 42 -2.63 -25.24 -7.46
N GLU D 43 -2.42 -24.72 -8.68
CA GLU D 43 -1.48 -25.37 -9.56
C GLU D 43 -0.09 -25.32 -8.92
N ALA D 44 0.15 -24.33 -8.04
CA ALA D 44 1.44 -24.36 -7.36
C ALA D 44 1.51 -25.55 -6.40
N GLN D 45 0.45 -25.74 -5.60
CA GLN D 45 0.41 -26.86 -4.66
C GLN D 45 0.70 -28.16 -5.38
N ILE D 46 0.00 -28.35 -6.52
CA ILE D 46 0.17 -29.52 -7.41
C ILE D 46 1.60 -29.70 -7.97
N LYS D 47 2.17 -28.66 -8.60
CA LYS D 47 3.52 -28.78 -9.12
C LYS D 47 4.48 -29.21 -8.05
N ILE D 48 4.41 -28.55 -6.90
CA ILE D 48 5.42 -28.86 -5.90
C ILE D 48 5.19 -30.30 -5.46
N TRP D 49 3.94 -30.73 -5.61
CA TRP D 49 3.71 -32.13 -5.30
C TRP D 49 4.45 -33.03 -6.27
N PHE D 50 4.29 -32.77 -7.57
CA PHE D 50 4.93 -33.58 -8.63
C PHE D 50 6.45 -33.59 -8.51
N GLN D 51 7.04 -32.42 -8.27
CA GLN D 51 8.49 -32.32 -8.05
C GLN D 51 8.84 -33.22 -6.89
N ASN D 52 8.07 -33.16 -5.81
CA ASN D 52 8.51 -33.97 -4.71
C ASN D 52 8.34 -35.43 -4.98
N LYS D 53 7.31 -35.83 -5.72
CA LYS D 53 7.14 -37.25 -6.12
C LYS D 53 8.38 -37.61 -6.93
N ARG D 54 8.71 -36.85 -7.99
CA ARG D 54 9.84 -37.28 -8.79
C ARG D 54 11.13 -37.33 -7.90
N ALA D 55 11.25 -36.43 -6.91
CA ALA D 55 12.33 -36.49 -5.89
C ALA D 55 12.39 -37.80 -5.05
N LYS D 56 11.25 -38.21 -4.53
CA LYS D 56 11.20 -39.41 -3.73
C LYS D 56 11.60 -40.59 -4.60
N ILE D 57 11.13 -40.57 -5.84
CA ILE D 57 11.43 -41.67 -6.75
C ILE D 57 12.92 -41.77 -7.09
N LYS D 58 13.59 -40.65 -7.37
CA LYS D 58 15.01 -40.71 -7.74
C LYS D 58 15.93 -41.18 -6.61
N LYS D 59 15.38 -41.31 -5.41
CA LYS D 59 16.14 -41.85 -4.28
C LYS D 59 16.03 -43.37 -4.33
N SER D 60 15.61 -43.86 -5.49
CA SER D 60 15.52 -45.29 -5.80
C SER D 60 15.99 -45.55 -7.24
#